data_4JWX
#
_entry.id   4JWX
#
_cell.length_a   52.031
_cell.length_b   52.031
_cell.length_c   198.823
_cell.angle_alpha   90.00
_cell.angle_beta   90.00
_cell.angle_gamma   90.00
#
_symmetry.space_group_name_H-M   'P 41 21 2'
#
loop_
_entity.id
_entity.type
_entity.pdbx_description
1 polymer GluN2A
2 non-polymer '(2R)-amino(1-hydroxy-4-propyl-1H-pyrazol-5-yl)ethanoic acid'
3 water water
#
_entity_poly.entity_id   1
_entity_poly.type   'polypeptide(L)'
_entity_poly.pdbx_seq_one_letter_code
;NHLSIVTLEEAPFVIVEDIDPLTETCVRNTVPCRKFVKINNSTNEGMNVKKCCKGFCIDILKKLSRTVKFTYDLYLVTNG
KHGKKVNNVWNGMIGEVVYQRAVMAVGSLTINEERSEVVDFSVPFVETGISVMVSRGTQVTGLSDKKFQRPHDYSPPFRF
GTVPNGSTERNIRNNYPYMHQYMTRFNQRGVEDALVSLKTGKLDAFIYDAAVLNYKAGRDEGCKLVTIGSGYIFATTGYG
IALQKGSPWKRQIDLALLQFVGDGEMEELETLWLTGICHA
;
_entity_poly.pdbx_strand_id   A
#
loop_
_chem_comp.id
_chem_comp.type
_chem_comp.name
_chem_comp.formula
1N4 non-polymer '(2R)-amino(1-hydroxy-4-propyl-1H-pyrazol-5-yl)ethanoic acid' 'C8 H13 N3 O3'
#
# COMPACT_ATOMS: atom_id res chain seq x y z
N ASN A 1 13.60 1.22 -25.25
CA ASN A 1 12.38 1.70 -24.62
C ASN A 1 11.97 0.86 -23.41
N HIS A 2 12.95 0.14 -22.86
CA HIS A 2 12.79 -0.56 -21.60
C HIS A 2 12.40 0.48 -20.55
N LEU A 3 11.24 0.30 -19.92
CA LEU A 3 10.76 1.28 -18.93
C LEU A 3 11.27 0.99 -17.53
N SER A 4 11.80 2.02 -16.88
CA SER A 4 12.18 1.92 -15.47
C SER A 4 10.92 2.04 -14.61
N ILE A 5 10.63 0.99 -13.85
CA ILE A 5 9.41 0.96 -13.04
C ILE A 5 9.75 0.63 -11.59
N VAL A 6 9.25 1.44 -10.67
CA VAL A 6 9.54 1.23 -9.25
C VAL A 6 8.35 0.57 -8.54
N THR A 7 8.65 -0.29 -7.58
CA THR A 7 7.61 -0.86 -6.74
CA THR A 7 7.63 -0.89 -6.71
C THR A 7 8.06 -0.90 -5.28
N LEU A 8 7.23 -1.50 -4.44
CA LEU A 8 7.42 -1.54 -3.00
C LEU A 8 6.66 -2.73 -2.48
N GLU A 9 7.27 -3.52 -1.59
CA GLU A 9 6.61 -4.69 -1.04
C GLU A 9 5.47 -4.31 -0.09
N GLU A 10 4.29 -4.85 -0.36
CA GLU A 10 3.17 -4.87 0.58
C GLU A 10 2.18 -5.92 0.14
N ALA A 11 2.19 -7.05 0.85
CA ALA A 11 1.31 -8.14 0.45
C ALA A 11 -0.14 -7.73 0.67
N PRO A 12 -1.05 -8.18 -0.20
CA PRO A 12 -0.89 -9.10 -1.32
C PRO A 12 -0.63 -8.40 -2.64
N PHE A 13 -0.36 -7.11 -2.58
CA PHE A 13 -0.24 -6.30 -3.78
C PHE A 13 1.11 -6.48 -4.43
N VAL A 14 2.17 -6.46 -3.62
CA VAL A 14 3.51 -6.77 -4.09
C VAL A 14 4.18 -7.63 -3.02
N ILE A 15 4.66 -8.79 -3.42
CA ILE A 15 5.31 -9.75 -2.52
C ILE A 15 6.68 -10.05 -3.10
N VAL A 16 7.72 -9.99 -2.27
CA VAL A 16 9.09 -10.16 -2.73
C VAL A 16 9.65 -11.50 -2.24
N GLU A 17 10.27 -12.24 -3.15
CA GLU A 17 10.90 -13.52 -2.79
C GLU A 17 12.33 -13.58 -3.30
N ASP A 18 13.09 -14.54 -2.78
CA ASP A 18 14.45 -14.75 -3.26
C ASP A 18 14.43 -15.46 -4.59
N ILE A 19 15.46 -15.18 -5.37
CA ILE A 19 15.67 -15.87 -6.63
C ILE A 19 16.34 -17.23 -6.32
N ASP A 20 16.15 -18.19 -7.22
CA ASP A 20 16.86 -19.47 -7.16
C ASP A 20 18.31 -19.23 -7.60
N PRO A 21 19.27 -19.45 -6.69
CA PRO A 21 20.67 -19.16 -7.06
C PRO A 21 21.18 -20.10 -8.15
N LEU A 22 20.54 -21.27 -8.29
CA LEU A 22 20.96 -22.24 -9.31
C LEU A 22 20.75 -21.69 -10.72
N THR A 23 19.71 -20.88 -10.90
CA THR A 23 19.32 -20.41 -12.22
C THR A 23 19.40 -18.90 -12.34
N GLU A 24 19.26 -18.21 -11.20
CA GLU A 24 19.11 -16.76 -11.17
C GLU A 24 17.97 -16.31 -12.09
N THR A 25 16.94 -17.13 -12.19
CA THR A 25 15.77 -16.81 -13.00
C THR A 25 14.47 -16.90 -12.21
N CYS A 26 13.63 -15.88 -12.36
CA CYS A 26 12.33 -15.89 -11.74
C CYS A 26 11.32 -16.68 -12.57
N VAL A 27 10.54 -17.49 -11.87
CA VAL A 27 9.71 -18.49 -12.52
C VAL A 27 8.27 -18.39 -11.97
N ARG A 28 7.37 -19.26 -12.43
CA ARG A 28 5.98 -19.28 -11.97
C ARG A 28 5.31 -17.94 -12.24
N ASN A 29 4.59 -17.41 -11.25
CA ASN A 29 3.89 -16.15 -11.46
C ASN A 29 4.71 -14.92 -11.09
N THR A 30 6.02 -15.10 -10.90
CA THR A 30 6.87 -13.99 -10.49
C THR A 30 7.60 -13.33 -11.66
N VAL A 31 8.09 -12.12 -11.43
CA VAL A 31 8.87 -11.40 -12.42
C VAL A 31 10.14 -10.90 -11.74
N PRO A 32 11.21 -10.70 -12.52
CA PRO A 32 12.43 -10.18 -11.89
C PRO A 32 12.24 -8.78 -11.34
N CYS A 33 12.81 -8.55 -10.15
N CYS A 33 12.89 -8.54 -10.22
CA CYS A 33 12.85 -7.22 -9.56
CA CYS A 33 12.94 -7.20 -9.68
C CYS A 33 14.12 -7.06 -8.72
C CYS A 33 14.16 -7.08 -8.80
N ARG A 34 14.81 -5.94 -8.90
CA ARG A 34 16.10 -5.76 -8.25
C ARG A 34 15.98 -4.75 -7.13
N LYS A 35 16.88 -4.86 -6.16
CA LYS A 35 16.93 -3.84 -5.12
C LYS A 35 18.38 -3.46 -4.87
N PHE A 36 18.65 -2.17 -4.81
CA PHE A 36 19.97 -1.68 -4.44
C PHE A 36 20.13 -1.80 -2.93
N VAL A 37 21.14 -2.55 -2.49
CA VAL A 37 21.31 -2.82 -1.07
C VAL A 37 22.69 -2.38 -0.64
N LYS A 38 22.76 -1.64 0.46
CA LYS A 38 24.02 -1.08 0.97
C LYS A 38 24.95 -2.14 1.54
N ILE A 39 26.25 -1.93 1.37
CA ILE A 39 27.25 -2.84 1.94
C ILE A 39 27.26 -2.77 3.47
N ASN A 40 27.14 -1.55 4.02
CA ASN A 40 27.11 -1.37 5.47
C ASN A 40 26.25 -0.16 5.81
N ASN A 41 26.19 0.21 7.08
CA ASN A 41 25.33 1.29 7.52
C ASN A 41 26.05 2.63 7.63
N SER A 42 27.26 2.69 7.08
CA SER A 42 28.09 3.90 7.13
C SER A 42 27.90 4.80 5.91
N THR A 43 27.88 4.20 4.72
CA THR A 43 27.74 4.98 3.50
C THR A 43 26.65 4.44 2.59
N ASN A 44 26.47 5.09 1.46
CA ASN A 44 25.48 4.66 0.48
C ASN A 44 26.07 3.77 -0.59
N GLU A 45 27.29 3.29 -0.38
CA GLU A 45 27.88 2.32 -1.28
C GLU A 45 27.05 1.02 -1.24
N GLY A 46 26.80 0.41 -2.39
CA GLY A 46 26.00 -0.80 -2.41
C GLY A 46 26.06 -1.54 -3.73
N MET A 47 25.26 -2.59 -3.83
CA MET A 47 25.17 -3.39 -5.04
C MET A 47 23.72 -3.78 -5.24
N ASN A 48 23.32 -3.98 -6.49
CA ASN A 48 21.98 -4.47 -6.75
CA ASN A 48 21.97 -4.47 -6.76
C ASN A 48 21.85 -5.97 -6.54
N VAL A 49 20.76 -6.37 -5.91
CA VAL A 49 20.50 -7.77 -5.61
C VAL A 49 19.26 -8.20 -6.40
N LYS A 50 19.38 -9.30 -7.14
CA LYS A 50 18.24 -9.81 -7.91
C LYS A 50 17.24 -10.50 -6.98
N LYS A 51 15.97 -10.15 -7.14
N LYS A 51 15.96 -10.18 -7.16
CA LYS A 51 14.87 -10.78 -6.39
CA LYS A 51 14.88 -10.80 -6.43
C LYS A 51 13.76 -11.12 -7.39
C LYS A 51 13.75 -11.15 -7.40
N CYS A 52 12.66 -11.67 -6.87
CA CYS A 52 11.49 -11.92 -7.70
CA CYS A 52 11.46 -11.93 -7.68
C CYS A 52 10.26 -11.33 -7.02
N CYS A 53 9.36 -10.78 -7.83
CA CYS A 53 8.18 -10.09 -7.33
C CYS A 53 6.90 -10.71 -7.88
N LYS A 54 5.87 -10.76 -7.05
CA LYS A 54 4.56 -11.26 -7.48
C LYS A 54 3.49 -10.51 -6.68
N GLY A 55 2.23 -10.72 -7.05
CA GLY A 55 1.13 -10.14 -6.32
C GLY A 55 0.13 -9.51 -7.25
N PHE A 56 -0.94 -8.97 -6.67
CA PHE A 56 -2.01 -8.38 -7.45
C PHE A 56 -1.49 -7.28 -8.38
N CYS A 57 -0.66 -6.39 -7.84
CA CYS A 57 -0.16 -5.28 -8.67
C CYS A 57 0.86 -5.74 -9.69
N ILE A 58 1.59 -6.80 -9.37
CA ILE A 58 2.52 -7.38 -10.34
C ILE A 58 1.75 -8.02 -11.50
N ASP A 59 0.64 -8.68 -11.20
CA ASP A 59 -0.20 -9.23 -12.26
C ASP A 59 -0.80 -8.12 -13.12
N ILE A 60 -1.16 -6.99 -12.51
CA ILE A 60 -1.58 -5.82 -13.25
CA ILE A 60 -1.58 -5.82 -13.25
CA ILE A 60 -1.59 -5.85 -13.29
C ILE A 60 -0.47 -5.36 -14.21
N LEU A 61 0.75 -5.25 -13.68
CA LEU A 61 1.89 -4.84 -14.49
C LEU A 61 2.15 -5.80 -15.63
N LYS A 62 2.04 -7.10 -15.36
CA LYS A 62 2.21 -8.10 -16.42
C LYS A 62 1.18 -7.90 -17.53
N LYS A 63 -0.07 -7.66 -17.16
CA LYS A 63 -1.12 -7.45 -18.14
C LYS A 63 -0.87 -6.16 -18.92
N LEU A 64 -0.45 -5.11 -18.24
CA LEU A 64 -0.16 -3.83 -18.91
C LEU A 64 0.97 -3.99 -19.91
N SER A 65 2.03 -4.65 -19.49
CA SER A 65 3.17 -4.91 -20.37
C SER A 65 2.73 -5.67 -21.63
N ARG A 66 1.90 -6.69 -21.44
CA ARG A 66 1.39 -7.50 -22.54
C ARG A 66 0.50 -6.69 -23.49
N THR A 67 -0.40 -5.91 -22.91
CA THR A 67 -1.43 -5.22 -23.71
C THR A 67 -0.89 -3.97 -24.40
N VAL A 68 -0.12 -3.17 -23.67
CA VAL A 68 0.42 -1.92 -24.17
C VAL A 68 1.71 -2.18 -24.95
N LYS A 69 2.33 -3.34 -24.73
CA LYS A 69 3.46 -3.83 -25.51
C LYS A 69 4.77 -3.14 -25.18
N PHE A 70 5.03 -2.99 -23.88
CA PHE A 70 6.32 -2.47 -23.43
C PHE A 70 7.07 -3.54 -22.64
N THR A 71 8.37 -3.34 -22.52
CA THR A 71 9.17 -4.13 -21.60
C THR A 71 9.60 -3.22 -20.44
N TYR A 72 10.05 -3.82 -19.34
CA TYR A 72 10.38 -3.02 -18.17
C TYR A 72 11.51 -3.61 -17.33
N ASP A 73 12.11 -2.74 -16.53
CA ASP A 73 13.12 -3.10 -15.53
C ASP A 73 12.52 -2.69 -14.19
N LEU A 74 12.05 -3.67 -13.44
CA LEU A 74 11.36 -3.42 -12.18
C LEU A 74 12.35 -3.35 -11.01
N TYR A 75 12.26 -2.31 -10.19
CA TYR A 75 13.10 -2.18 -9.01
C TYR A 75 12.33 -1.77 -7.78
N LEU A 76 12.86 -2.16 -6.62
CA LEU A 76 12.24 -1.86 -5.34
C LEU A 76 12.83 -0.56 -4.77
N VAL A 77 11.95 0.30 -4.28
CA VAL A 77 12.39 1.60 -3.76
C VAL A 77 13.25 1.42 -2.50
N THR A 78 14.29 2.25 -2.36
CA THR A 78 15.22 2.09 -1.25
C THR A 78 15.19 3.24 -0.25
N ASN A 79 14.73 4.41 -0.68
CA ASN A 79 14.62 5.50 0.29
C ASN A 79 13.18 5.90 0.51
N GLY A 80 12.67 5.59 1.69
CA GLY A 80 11.26 5.85 1.95
C GLY A 80 10.46 4.69 1.41
N LYS A 81 9.14 4.84 1.46
CA LYS A 81 8.25 3.77 1.06
CA LYS A 81 8.24 3.77 1.07
C LYS A 81 7.30 4.23 -0.03
N HIS A 82 6.04 4.50 0.32
CA HIS A 82 5.09 4.95 -0.70
C HIS A 82 5.38 6.34 -1.25
N GLY A 83 5.54 7.30 -0.34
CA GLY A 83 5.81 8.65 -0.78
C GLY A 83 5.46 9.67 0.28
N LYS A 84 6.45 10.44 0.69
CA LYS A 84 6.23 11.51 1.64
C LYS A 84 7.18 12.62 1.28
N LYS A 85 6.73 13.87 1.41
CA LYS A 85 7.65 14.99 1.27
C LYS A 85 8.37 15.20 2.61
N VAL A 86 9.68 14.96 2.62
CA VAL A 86 10.51 15.06 3.83
C VAL A 86 11.62 16.07 3.61
N ASN A 87 11.74 17.05 4.50
CA ASN A 87 12.71 18.14 4.32
C ASN A 87 12.55 18.78 2.95
N ASN A 88 11.30 18.93 2.53
CA ASN A 88 10.94 19.55 1.26
C ASN A 88 11.27 18.72 0.00
N VAL A 89 11.54 17.44 0.18
CA VAL A 89 11.91 16.59 -0.94
C VAL A 89 11.07 15.31 -0.90
N TRP A 90 10.44 14.95 -2.01
CA TRP A 90 9.66 13.71 -2.04
C TRP A 90 10.54 12.45 -2.01
N ASN A 91 10.23 11.52 -1.12
CA ASN A 91 10.89 10.23 -1.09
C ASN A 91 9.95 9.12 -1.56
N GLY A 92 10.35 7.87 -1.36
CA GLY A 92 9.51 6.74 -1.72
C GLY A 92 9.25 6.59 -3.21
N MET A 93 8.23 5.83 -3.56
CA MET A 93 7.87 5.63 -4.96
C MET A 93 7.54 6.95 -5.62
N ILE A 94 6.84 7.83 -4.90
CA ILE A 94 6.46 9.13 -5.47
C ILE A 94 7.73 9.88 -5.85
N GLY A 95 8.72 9.88 -4.97
CA GLY A 95 10.00 10.53 -5.25
C GLY A 95 10.71 9.99 -6.47
N GLU A 96 10.73 8.67 -6.65
CA GLU A 96 11.37 8.06 -7.82
C GLU A 96 10.76 8.57 -9.12
N VAL A 97 9.44 8.80 -9.10
CA VAL A 97 8.77 9.32 -10.28
C VAL A 97 9.02 10.81 -10.46
N VAL A 98 8.88 11.58 -9.38
CA VAL A 98 9.07 13.03 -9.42
C VAL A 98 10.45 13.37 -9.99
N TYR A 99 11.47 12.63 -9.54
CA TYR A 99 12.82 12.93 -9.98
C TYR A 99 13.26 12.10 -11.18
N GLN A 100 12.27 11.45 -11.81
CA GLN A 100 12.42 10.80 -13.12
C GLN A 100 13.41 9.64 -13.15
N ARG A 101 13.55 8.95 -12.01
CA ARG A 101 14.29 7.71 -11.96
C ARG A 101 13.40 6.54 -12.41
N ALA A 102 12.09 6.73 -12.29
CA ALA A 102 11.11 5.73 -12.71
C ALA A 102 10.07 6.42 -13.59
N VAL A 103 9.65 5.74 -14.66
CA VAL A 103 8.60 6.22 -15.56
CA VAL A 103 8.61 6.32 -15.49
C VAL A 103 7.23 5.97 -14.93
N MET A 104 7.19 5.01 -14.02
N MET A 104 7.16 4.88 -14.18
CA MET A 104 5.94 4.50 -13.49
CA MET A 104 5.94 4.49 -13.49
C MET A 104 6.10 3.74 -12.19
C MET A 104 6.27 4.00 -12.07
N ALA A 105 5.26 4.05 -11.21
CA ALA A 105 5.31 3.39 -9.90
C ALA A 105 4.09 2.50 -9.78
N VAL A 106 4.31 1.24 -9.44
CA VAL A 106 3.23 0.25 -9.33
CA VAL A 106 3.20 0.32 -9.30
C VAL A 106 3.25 -0.38 -7.94
N GLY A 107 2.13 -0.37 -7.24
CA GLY A 107 2.03 -1.00 -5.94
C GLY A 107 0.79 -0.51 -5.22
N SER A 108 0.81 -0.62 -3.89
CA SER A 108 -0.32 -0.20 -3.06
C SER A 108 -0.28 1.31 -2.81
N LEU A 109 -0.32 2.07 -3.90
CA LEU A 109 -0.02 3.49 -3.86
C LEU A 109 -1.31 4.31 -3.92
N THR A 110 -1.60 5.00 -2.83
CA THR A 110 -2.86 5.72 -2.73
C THR A 110 -2.83 7.07 -3.47
N ILE A 111 -3.85 7.30 -4.30
CA ILE A 111 -4.01 8.57 -5.00
C ILE A 111 -4.49 9.61 -3.99
N ASN A 112 -3.82 10.75 -3.93
CA ASN A 112 -4.34 11.88 -3.16
C ASN A 112 -3.96 13.21 -3.80
N GLU A 113 -4.51 14.31 -3.30
CA GLU A 113 -4.30 15.62 -3.89
C GLU A 113 -2.85 16.09 -3.81
N GLU A 114 -2.21 15.85 -2.68
CA GLU A 114 -0.82 16.26 -2.47
CA GLU A 114 -0.84 16.30 -2.50
C GLU A 114 0.10 15.61 -3.50
N ARG A 115 -0.06 14.31 -3.67
CA ARG A 115 0.74 13.59 -4.66
C ARG A 115 0.39 13.97 -6.08
N SER A 116 -0.89 14.22 -6.34
CA SER A 116 -1.33 14.57 -7.68
C SER A 116 -0.77 15.91 -8.13
N GLU A 117 -0.26 16.72 -7.19
CA GLU A 117 0.36 17.99 -7.57
C GLU A 117 1.69 17.75 -8.29
N VAL A 118 2.33 16.61 -8.03
CA VAL A 118 3.69 16.35 -8.53
C VAL A 118 3.83 15.12 -9.43
N VAL A 119 2.81 14.24 -9.45
CA VAL A 119 2.80 13.12 -10.40
C VAL A 119 1.41 13.02 -11.03
N ASP A 120 1.32 12.33 -12.17
CA ASP A 120 0.02 11.96 -12.70
C ASP A 120 -0.31 10.57 -12.21
N PHE A 121 -1.60 10.25 -12.12
CA PHE A 121 -1.98 8.90 -11.74
C PHE A 121 -2.88 8.32 -12.80
N SER A 122 -2.80 7.01 -12.95
CA SER A 122 -3.82 6.29 -13.72
C SER A 122 -5.17 6.43 -13.01
N VAL A 123 -6.21 5.97 -13.68
CA VAL A 123 -7.49 5.78 -13.02
C VAL A 123 -7.28 4.83 -11.83
N PRO A 124 -8.07 5.00 -10.76
CA PRO A 124 -7.92 4.06 -9.65
C PRO A 124 -8.38 2.66 -10.04
N PHE A 125 -7.72 1.63 -9.51
CA PHE A 125 -8.09 0.26 -9.86
C PHE A 125 -8.28 -0.65 -8.64
N VAL A 126 -8.04 -0.12 -7.44
CA VAL A 126 -8.40 -0.79 -6.19
C VAL A 126 -9.01 0.29 -5.33
N GLU A 127 -10.17 0.03 -4.74
CA GLU A 127 -10.78 1.02 -3.84
C GLU A 127 -10.06 1.06 -2.49
N THR A 128 -9.80 2.27 -1.99
CA THR A 128 -9.25 2.37 -0.66
C THR A 128 -9.69 3.66 0.05
N GLY A 129 -9.13 3.86 1.24
CA GLY A 129 -9.52 4.95 2.12
C GLY A 129 -8.92 4.66 3.47
N ILE A 130 -9.48 5.28 4.51
CA ILE A 130 -8.98 5.04 5.85
C ILE A 130 -9.98 4.17 6.58
N SER A 131 -9.50 3.02 7.08
CA SER A 131 -10.35 2.16 7.89
CA SER A 131 -10.32 2.12 7.87
C SER A 131 -9.73 1.89 9.25
N VAL A 132 -10.51 1.27 10.11
CA VAL A 132 -10.14 0.99 11.49
C VAL A 132 -10.28 -0.50 11.70
N MET A 133 -9.22 -1.15 12.18
CA MET A 133 -9.29 -2.55 12.52
CA MET A 133 -9.23 -2.56 12.51
C MET A 133 -9.29 -2.75 14.02
N VAL A 134 -10.17 -3.63 14.49
CA VAL A 134 -10.24 -3.94 15.91
C VAL A 134 -10.32 -5.45 16.10
N SER A 135 -10.12 -5.90 17.33
CA SER A 135 -10.34 -7.30 17.67
CA SER A 135 -10.35 -7.29 17.69
C SER A 135 -11.84 -7.54 17.61
N ARG A 136 -12.22 -8.69 17.05
CA ARG A 136 -13.62 -9.05 16.94
C ARG A 136 -14.21 -9.04 18.35
N GLY A 137 -15.30 -8.30 18.50
CA GLY A 137 -15.89 -8.09 19.82
C GLY A 137 -15.84 -6.64 20.25
N THR A 138 -14.81 -5.91 19.82
CA THR A 138 -14.68 -4.49 20.13
C THR A 138 -15.72 -3.67 19.35
N GLN A 139 -16.34 -2.70 20.02
CA GLN A 139 -17.36 -1.88 19.38
C GLN A 139 -16.89 -0.45 19.13
N VAL A 140 -16.72 -0.08 17.87
CA VAL A 140 -16.54 1.31 17.46
C VAL A 140 -17.40 1.62 16.24
N THR A 141 -17.88 2.86 16.14
CA THR A 141 -18.71 3.25 15.02
C THR A 141 -17.87 3.69 13.81
N GLY A 142 -16.61 4.02 14.08
CA GLY A 142 -15.76 4.67 13.10
C GLY A 142 -14.91 5.67 13.84
N LEU A 143 -14.21 6.54 13.13
CA LEU A 143 -13.26 7.43 13.79
C LEU A 143 -13.90 8.57 14.58
N SER A 144 -15.21 8.76 14.42
CA SER A 144 -15.89 9.78 15.22
C SER A 144 -16.44 9.20 16.53
N ASP A 145 -16.21 7.90 16.76
CA ASP A 145 -16.60 7.26 18.01
C ASP A 145 -15.98 8.03 19.18
N LYS A 146 -16.71 8.14 20.28
CA LYS A 146 -16.21 8.82 21.47
C LYS A 146 -14.89 8.21 21.98
N LYS A 147 -14.68 6.91 21.73
CA LYS A 147 -13.43 6.26 22.09
C LYS A 147 -12.21 6.92 21.44
N PHE A 148 -12.39 7.41 20.20
CA PHE A 148 -11.31 8.11 19.50
C PHE A 148 -11.29 9.60 19.82
N GLN A 149 -12.47 10.19 20.03
CA GLN A 149 -12.56 11.63 20.29
C GLN A 149 -12.07 12.00 21.69
N ARG A 150 -12.32 11.12 22.66
CA ARG A 150 -12.02 11.37 24.07
C ARG A 150 -11.41 10.12 24.70
N PRO A 151 -10.21 9.73 24.25
CA PRO A 151 -9.62 8.46 24.68
C PRO A 151 -9.39 8.33 26.19
N HIS A 152 -9.28 9.43 26.91
CA HIS A 152 -9.08 9.35 28.36
C HIS A 152 -10.37 9.11 29.14
N ASP A 153 -11.50 9.00 28.45
CA ASP A 153 -12.74 8.59 29.09
C ASP A 153 -12.77 7.08 29.32
N TYR A 154 -11.70 6.40 28.95
CA TYR A 154 -11.67 4.94 28.96
C TYR A 154 -10.47 4.38 29.72
N SER A 155 -10.59 3.11 30.14
CA SER A 155 -9.53 2.46 30.90
CA SER A 155 -9.54 2.45 30.92
C SER A 155 -9.11 1.15 30.24
N PRO A 156 -7.85 1.07 29.81
CA PRO A 156 -6.86 2.16 29.82
C PRO A 156 -7.27 3.21 28.79
N PRO A 157 -6.68 4.41 28.83
CA PRO A 157 -6.98 5.38 27.77
C PRO A 157 -6.90 4.68 26.41
N PHE A 158 -7.88 4.93 25.56
CA PHE A 158 -8.04 4.16 24.34
C PHE A 158 -6.77 4.16 23.50
N ARG A 159 -6.35 2.96 23.11
CA ARG A 159 -5.05 2.76 22.52
C ARG A 159 -5.24 2.57 21.03
N PHE A 160 -4.87 3.58 20.25
CA PHE A 160 -5.01 3.46 18.80
C PHE A 160 -3.86 4.13 18.09
N GLY A 161 -3.44 3.56 16.97
CA GLY A 161 -2.28 4.07 16.25
C GLY A 161 -2.31 3.66 14.80
N THR A 162 -1.35 4.18 14.05
CA THR A 162 -1.15 3.83 12.65
C THR A 162 0.35 3.57 12.40
N VAL A 163 0.71 3.35 11.14
CA VAL A 163 2.11 3.20 10.75
C VAL A 163 2.59 4.53 10.20
N PRO A 164 3.70 5.03 10.74
CA PRO A 164 4.20 6.36 10.33
C PRO A 164 4.46 6.46 8.81
N ASN A 165 4.21 7.66 8.28
CA ASN A 165 4.65 8.08 6.95
C ASN A 165 3.77 7.64 5.79
N GLY A 166 2.74 6.85 6.08
CA GLY A 166 1.73 6.53 5.08
C GLY A 166 0.76 7.69 4.86
N SER A 167 -0.04 7.60 3.81
CA SER A 167 -0.96 8.69 3.52
C SER A 167 -2.02 8.82 4.59
N THR A 168 -2.31 7.72 5.27
CA THR A 168 -3.27 7.74 6.39
C THR A 168 -2.81 8.70 7.50
N GLU A 169 -1.55 8.55 7.95
CA GLU A 169 -1.02 9.45 8.97
C GLU A 169 -1.11 10.91 8.52
N ARG A 170 -0.79 11.15 7.25
CA ARG A 170 -0.79 12.50 6.70
C ARG A 170 -2.18 13.08 6.74
N ASN A 171 -3.18 12.26 6.40
CA ASN A 171 -4.57 12.71 6.43
C ASN A 171 -5.02 13.09 7.83
N ILE A 172 -4.55 12.34 8.84
CA ILE A 172 -4.89 12.67 10.21
C ILE A 172 -4.13 13.90 10.69
N ARG A 173 -2.82 13.92 10.45
CA ARG A 173 -2.00 15.07 10.85
C ARG A 173 -2.50 16.39 10.25
N ASN A 174 -2.92 16.36 8.98
CA ASN A 174 -3.32 17.58 8.29
C ASN A 174 -4.65 18.14 8.77
N ASN A 175 -5.47 17.33 9.44
CA ASN A 175 -6.83 17.76 9.74
C ASN A 175 -7.24 17.72 11.20
N TYR A 176 -6.61 16.82 11.96
CA TYR A 176 -7.03 16.59 13.34
C TYR A 176 -5.80 16.53 14.20
N PRO A 177 -5.28 17.69 14.59
CA PRO A 177 -3.98 17.67 15.26
C PRO A 177 -3.96 16.91 16.59
N TYR A 178 -4.99 17.03 17.40
CA TYR A 178 -5.00 16.33 18.68
C TYR A 178 -4.95 14.83 18.46
N MET A 179 -5.80 14.34 17.56
CA MET A 179 -5.82 12.91 17.27
C MET A 179 -4.44 12.43 16.87
N HIS A 180 -3.81 13.18 15.97
CA HIS A 180 -2.48 12.80 15.51
C HIS A 180 -1.47 12.76 16.65
N GLN A 181 -1.43 13.81 17.47
CA GLN A 181 -0.42 13.83 18.52
CA GLN A 181 -0.46 13.91 18.57
C GLN A 181 -0.71 12.90 19.67
N TYR A 182 -1.97 12.50 19.83
CA TYR A 182 -2.30 11.46 20.80
C TYR A 182 -1.82 10.11 20.28
N MET A 183 -2.04 9.85 18.98
CA MET A 183 -1.78 8.53 18.48
CA MET A 183 -1.77 8.57 18.30
C MET A 183 -0.31 8.20 18.21
N THR A 184 0.57 9.19 18.18
CA THR A 184 1.98 8.87 17.90
C THR A 184 2.64 8.00 18.95
N ARG A 185 2.15 8.05 20.19
CA ARG A 185 2.68 7.17 21.23
C ARG A 185 2.32 5.71 20.94
N PHE A 186 1.36 5.50 20.04
CA PHE A 186 0.97 4.16 19.62
C PHE A 186 1.40 3.83 18.19
N ASN A 187 2.41 4.53 17.69
CA ASN A 187 2.95 4.21 16.36
C ASN A 187 3.31 2.72 16.24
N GLN A 188 2.93 2.13 15.11
CA GLN A 188 3.21 0.73 14.81
C GLN A 188 4.27 0.64 13.71
N ARG A 189 5.20 -0.29 13.86
CA ARG A 189 6.26 -0.44 12.85
C ARG A 189 5.72 -0.92 11.51
N GLY A 190 4.68 -1.76 11.56
CA GLY A 190 4.03 -2.25 10.36
C GLY A 190 2.73 -2.93 10.73
N VAL A 191 2.04 -3.43 9.71
CA VAL A 191 0.77 -4.11 9.89
C VAL A 191 0.86 -5.36 10.77
N GLU A 192 1.87 -6.20 10.54
CA GLU A 192 1.96 -7.43 11.30
C GLU A 192 2.15 -7.18 12.80
N ASP A 193 2.95 -6.18 13.14
CA ASP A 193 3.10 -5.78 14.54
C ASP A 193 1.74 -5.38 15.12
N ALA A 194 0.99 -4.58 14.37
CA ALA A 194 -0.29 -4.07 14.89
C ALA A 194 -1.30 -5.19 15.12
N LEU A 195 -1.34 -6.15 14.20
CA LEU A 195 -2.33 -7.23 14.27
C LEU A 195 -2.04 -8.08 15.50
N VAL A 196 -0.77 -8.37 15.74
CA VAL A 196 -0.39 -9.08 16.95
C VAL A 196 -0.81 -8.32 18.21
N SER A 197 -0.62 -7.01 18.21
CA SER A 197 -1.01 -6.19 19.36
CA SER A 197 -1.01 -6.18 19.36
C SER A 197 -2.52 -6.22 19.60
N LEU A 198 -3.31 -6.11 18.53
CA LEU A 198 -4.76 -6.22 18.67
C LEU A 198 -5.18 -7.58 19.26
N LYS A 199 -4.62 -8.65 18.72
CA LYS A 199 -5.07 -9.99 19.08
C LYS A 199 -4.63 -10.41 20.47
N THR A 200 -3.64 -9.72 21.00
CA THR A 200 -3.16 -10.03 22.34
C THR A 200 -3.60 -8.99 23.37
N GLY A 201 -4.49 -8.08 22.95
CA GLY A 201 -5.07 -7.09 23.84
C GLY A 201 -4.13 -5.96 24.24
N LYS A 202 -3.12 -5.70 23.43
CA LYS A 202 -2.14 -4.64 23.73
C LYS A 202 -2.46 -3.34 22.98
N LEU A 203 -3.40 -3.40 22.05
CA LEU A 203 -3.82 -2.22 21.28
C LEU A 203 -5.30 -2.37 21.08
N ASP A 204 -6.03 -1.25 21.05
CA ASP A 204 -7.47 -1.32 20.87
C ASP A 204 -7.92 -1.15 19.44
N ALA A 205 -7.20 -0.33 18.68
CA ALA A 205 -7.58 -0.09 17.28
C ALA A 205 -6.39 0.30 16.45
N PHE A 206 -6.41 -0.14 15.20
CA PHE A 206 -5.33 0.12 14.26
C PHE A 206 -5.95 0.85 13.07
N ILE A 207 -5.43 2.03 12.77
CA ILE A 207 -5.92 2.88 11.70
CA ILE A 207 -5.95 2.86 11.69
C ILE A 207 -4.99 2.77 10.51
N TYR A 208 -5.51 2.41 9.34
CA TYR A 208 -4.64 2.14 8.21
C TYR A 208 -5.40 2.14 6.90
N ASP A 209 -4.66 2.02 5.81
CA ASP A 209 -5.20 1.85 4.47
C ASP A 209 -6.26 0.75 4.42
N ALA A 210 -7.41 1.10 3.87
CA ALA A 210 -8.57 0.21 3.87
C ALA A 210 -8.35 -1.06 3.08
N ALA A 211 -7.74 -0.95 1.89
CA ALA A 211 -7.59 -2.14 1.06
C ALA A 211 -6.79 -3.21 1.77
N VAL A 212 -5.71 -2.82 2.43
CA VAL A 212 -4.90 -3.79 3.15
C VAL A 212 -5.64 -4.32 4.37
N LEU A 213 -6.31 -3.45 5.13
CA LEU A 213 -7.02 -3.93 6.30
C LEU A 213 -8.15 -4.89 5.92
N ASN A 214 -8.86 -4.60 4.84
CA ASN A 214 -9.95 -5.49 4.41
C ASN A 214 -9.40 -6.86 4.06
N TYR A 215 -8.26 -6.86 3.36
CA TYR A 215 -7.60 -8.10 3.01
C TYR A 215 -7.18 -8.89 4.25
N LYS A 216 -6.49 -8.24 5.18
CA LYS A 216 -6.00 -8.94 6.36
CA LYS A 216 -5.99 -8.93 6.36
C LYS A 216 -7.13 -9.49 7.23
N ALA A 217 -8.22 -8.73 7.37
CA ALA A 217 -9.35 -9.22 8.16
C ALA A 217 -9.98 -10.42 7.46
N GLY A 218 -9.99 -10.38 6.13
CA GLY A 218 -10.60 -11.44 5.36
C GLY A 218 -9.95 -12.80 5.47
N ARG A 219 -8.67 -12.86 5.81
CA ARG A 219 -8.05 -14.17 5.98
C ARG A 219 -7.16 -14.32 7.21
N ASP A 220 -7.53 -13.63 8.28
CA ASP A 220 -6.89 -13.82 9.57
C ASP A 220 -7.15 -15.26 10.01
N GLU A 221 -6.11 -15.93 10.49
CA GLU A 221 -6.26 -17.30 10.99
C GLU A 221 -6.99 -17.27 12.32
N GLY A 222 -8.23 -17.74 12.32
CA GLY A 222 -9.05 -17.69 13.51
C GLY A 222 -10.11 -16.62 13.36
N CYS A 223 -9.98 -15.84 12.29
N CYS A 223 -10.01 -15.82 12.32
CA CYS A 223 -10.90 -14.75 11.98
CA CYS A 223 -11.01 -14.79 12.07
C CYS A 223 -11.18 -13.85 13.20
C CYS A 223 -11.20 -13.89 13.28
N LYS A 224 -10.10 -13.37 13.80
CA LYS A 224 -10.17 -12.63 15.05
C LYS A 224 -10.20 -11.12 14.86
N LEU A 225 -10.27 -10.67 13.60
CA LEU A 225 -10.18 -9.25 13.29
C LEU A 225 -11.37 -8.71 12.51
N VAL A 226 -11.78 -7.48 12.85
CA VAL A 226 -12.88 -6.82 12.17
C VAL A 226 -12.41 -5.46 11.66
N THR A 227 -12.81 -5.10 10.43
CA THR A 227 -12.47 -3.80 9.90
CA THR A 227 -12.49 -3.79 9.86
C THR A 227 -13.75 -2.99 9.67
N ILE A 228 -13.72 -1.72 10.03
CA ILE A 228 -14.87 -0.87 9.70
C ILE A 228 -14.37 0.45 9.14
N GLY A 229 -15.16 1.03 8.26
CA GLY A 229 -14.75 2.28 7.64
C GLY A 229 -14.59 3.35 8.69
N SER A 230 -13.64 4.26 8.47
CA SER A 230 -13.42 5.37 9.39
C SER A 230 -14.58 6.34 9.38
N GLY A 231 -15.24 6.43 8.23
CA GLY A 231 -16.20 7.49 8.01
C GLY A 231 -15.56 8.76 7.50
N TYR A 232 -14.24 8.74 7.31
CA TYR A 232 -13.53 9.90 6.76
C TYR A 232 -13.70 9.87 5.24
N ILE A 233 -14.89 10.23 4.78
CA ILE A 233 -15.22 10.12 3.37
C ILE A 233 -14.30 11.02 2.53
N PHE A 234 -13.83 12.11 3.12
CA PHE A 234 -12.90 12.99 2.43
C PHE A 234 -11.63 12.26 1.94
N ALA A 235 -11.33 11.12 2.55
CA ALA A 235 -10.11 10.38 2.24
C ALA A 235 -10.35 9.20 1.32
N THR A 236 -11.60 8.98 0.91
CA THR A 236 -11.91 7.85 0.04
CA THR A 236 -11.91 7.85 0.06
C THR A 236 -11.31 8.08 -1.33
N THR A 237 -10.65 7.05 -1.84
CA THR A 237 -9.89 7.19 -3.07
C THR A 237 -9.60 5.79 -3.62
N GLY A 238 -8.43 5.60 -4.19
CA GLY A 238 -8.07 4.30 -4.71
C GLY A 238 -6.58 4.19 -4.93
N TYR A 239 -6.09 2.98 -5.19
CA TYR A 239 -4.72 2.85 -5.67
C TYR A 239 -4.66 3.25 -7.13
N GLY A 240 -3.56 3.92 -7.49
CA GLY A 240 -3.32 4.24 -8.88
C GLY A 240 -1.87 4.01 -9.24
N ILE A 241 -1.59 3.90 -10.53
CA ILE A 241 -0.23 3.84 -10.99
C ILE A 241 0.26 5.27 -11.14
N ALA A 242 1.42 5.59 -10.54
CA ALA A 242 1.93 6.95 -10.68
C ALA A 242 2.79 7.07 -11.91
N LEU A 243 2.65 8.19 -12.61
CA LEU A 243 3.41 8.47 -13.82
C LEU A 243 3.98 9.87 -13.71
N GLN A 244 4.94 10.19 -14.57
CA GLN A 244 5.48 11.56 -14.58
C GLN A 244 4.36 12.57 -14.83
N LYS A 245 4.47 13.76 -14.24
CA LYS A 245 3.56 14.85 -14.52
C LYS A 245 3.55 15.10 -16.04
N GLY A 246 2.37 14.99 -16.65
CA GLY A 246 2.25 15.19 -18.08
C GLY A 246 2.66 13.99 -18.92
N SER A 247 2.77 12.83 -18.30
CA SER A 247 3.22 11.60 -18.97
C SER A 247 2.43 11.28 -20.21
N PRO A 248 3.13 10.92 -21.29
CA PRO A 248 2.39 10.48 -22.48
C PRO A 248 1.78 9.09 -22.34
N TRP A 249 2.04 8.39 -21.24
CA TRP A 249 1.58 7.00 -21.13
C TRP A 249 0.31 6.84 -20.32
N LYS A 250 -0.13 7.89 -19.64
CA LYS A 250 -1.38 7.79 -18.88
C LYS A 250 -2.54 7.34 -19.76
N ARG A 251 -2.63 7.91 -20.97
CA ARG A 251 -3.73 7.57 -21.88
C ARG A 251 -3.80 6.05 -22.13
N GLN A 252 -2.68 5.46 -22.53
CA GLN A 252 -2.67 4.03 -22.84
C GLN A 252 -2.82 3.13 -21.61
N ILE A 253 -2.21 3.52 -20.49
CA ILE A 253 -2.35 2.76 -19.25
CA ILE A 253 -2.37 2.74 -19.28
C ILE A 253 -3.83 2.74 -18.83
N ASP A 254 -4.47 3.90 -18.86
CA ASP A 254 -5.90 3.97 -18.53
C ASP A 254 -6.76 3.12 -19.46
N LEU A 255 -6.47 3.18 -20.76
CA LEU A 255 -7.24 2.38 -21.71
C LEU A 255 -7.14 0.90 -21.36
N ALA A 256 -5.93 0.47 -21.01
CA ALA A 256 -5.72 -0.94 -20.67
C ALA A 256 -6.46 -1.31 -19.40
N LEU A 257 -6.33 -0.50 -18.36
CA LEU A 257 -7.06 -0.77 -17.12
C LEU A 257 -8.57 -0.85 -17.36
N LEU A 258 -9.09 0.05 -18.18
CA LEU A 258 -10.52 0.05 -18.48
CA LEU A 258 -10.52 0.06 -18.49
C LEU A 258 -10.92 -1.19 -19.27
N GLN A 259 -10.03 -1.66 -20.15
CA GLN A 259 -10.27 -2.90 -20.88
C GLN A 259 -10.36 -4.07 -19.92
N PHE A 260 -9.43 -4.12 -18.96
CA PHE A 260 -9.40 -5.21 -18.00
C PHE A 260 -10.64 -5.21 -17.12
N VAL A 261 -11.12 -4.01 -16.77
CA VAL A 261 -12.31 -3.90 -15.93
C VAL A 261 -13.50 -4.41 -16.71
N GLY A 262 -13.61 -3.96 -17.96
CA GLY A 262 -14.77 -4.31 -18.76
C GLY A 262 -14.88 -5.78 -19.10
N ASP A 263 -13.74 -6.43 -19.32
CA ASP A 263 -13.75 -7.80 -19.83
C ASP A 263 -13.68 -8.88 -18.75
N GLY A 264 -13.62 -8.47 -17.49
CA GLY A 264 -13.66 -9.41 -16.39
C GLY A 264 -12.29 -9.81 -15.89
N GLU A 265 -11.24 -9.30 -16.54
CA GLU A 265 -9.88 -9.62 -16.09
C GLU A 265 -9.61 -9.08 -14.69
N MET A 266 -10.10 -7.88 -14.40
CA MET A 266 -9.88 -7.31 -13.08
CA MET A 266 -9.91 -7.30 -13.09
C MET A 266 -10.62 -8.13 -12.03
N GLU A 267 -11.84 -8.55 -12.34
CA GLU A 267 -12.62 -9.40 -11.45
C GLU A 267 -11.85 -10.69 -11.13
N GLU A 268 -11.25 -11.29 -12.15
CA GLU A 268 -10.48 -12.53 -11.95
CA GLU A 268 -10.46 -12.51 -11.99
C GLU A 268 -9.29 -12.30 -11.04
N LEU A 269 -8.59 -11.18 -11.21
CA LEU A 269 -7.46 -10.85 -10.35
C LEU A 269 -7.87 -10.61 -8.91
N GLU A 270 -9.00 -9.94 -8.72
CA GLU A 270 -9.55 -9.73 -7.38
C GLU A 270 -9.85 -11.08 -6.71
N THR A 271 -10.45 -11.99 -7.47
CA THR A 271 -10.73 -13.33 -6.94
C THR A 271 -9.45 -14.07 -6.58
N LEU A 272 -8.45 -13.93 -7.44
CA LEU A 272 -7.18 -14.64 -7.29
C LEU A 272 -6.39 -14.18 -6.07
N TRP A 273 -6.38 -12.88 -5.80
CA TRP A 273 -5.48 -12.32 -4.80
C TRP A 273 -6.14 -11.68 -3.57
N LEU A 274 -7.38 -11.18 -3.71
CA LEU A 274 -7.90 -10.25 -2.70
C LEU A 274 -9.08 -10.71 -1.85
N THR A 275 -9.93 -11.56 -2.41
N THR A 275 -9.94 -11.56 -2.42
CA THR A 275 -11.16 -11.92 -1.74
CA THR A 275 -11.17 -11.93 -1.75
C THR A 275 -10.88 -12.77 -0.50
C THR A 275 -10.86 -12.75 -0.49
N GLY A 276 -11.73 -12.64 0.52
CA GLY A 276 -11.48 -13.26 1.81
C GLY A 276 -12.42 -14.41 2.16
N ILE A 277 -12.16 -15.04 3.30
CA ILE A 277 -12.98 -16.19 3.73
C ILE A 277 -13.67 -15.89 5.06
N CYS A 278 -13.03 -15.09 5.90
CA CYS A 278 -13.60 -14.72 7.19
C CYS A 278 -14.90 -13.93 7.00
N HIS A 279 -15.99 -14.44 7.56
CA HIS A 279 -17.20 -13.63 7.57
C HIS A 279 -16.94 -12.41 8.46
N ALA A 280 -17.64 -11.32 8.18
CA ALA A 280 -17.40 -10.06 8.87
C ALA A 280 -18.17 -9.96 10.18
CAA 1N4 B . 3.15 1.83 5.41
CAA 1N4 B . 2.18 3.18 6.18
CAG 1N4 B . 2.08 2.87 5.26
CAG 1N4 B . 2.20 2.94 4.72
CAH 1N4 B . 1.11 2.60 4.17
CAH 1N4 B . 0.96 2.39 4.13
CAK 1N4 B . -0.09 3.46 4.06
CAK 1N4 B . -0.18 3.34 4.02
CAF 1N4 B . -0.94 3.95 5.10
CAF 1N4 B . -0.99 3.85 5.07
NAI 1N4 B . -1.88 4.67 4.51
NAI 1N4 B . -1.87 4.66 4.49
NAN 1N4 B . -1.73 4.68 3.19
NAN 1N4 B . -1.70 4.72 3.18
OAE 1N4 B . -2.49 5.29 2.35
OAE 1N4 B . -2.41 5.42 2.35
CAL 1N4 B . -0.66 3.97 2.87
CAL 1N4 B . -0.68 3.94 2.84
CA 1N4 B . -0.15 3.74 1.49
CA 1N4 B . -0.18 3.73 1.45
C 1N4 B . 0.23 5.04 0.84
C 1N4 B . 0.22 5.02 0.81
OXT 1N4 B . 0.76 5.98 1.50
OXT 1N4 B . 0.75 5.95 1.50
O 1N4 B . 0.05 5.17 -0.39
O 1N4 B . 0.05 5.19 -0.41
N 1N4 B . -1.16 3.10 0.69
N 1N4 B . -1.21 3.12 0.63
#